data_4XAR
#
_entry.id   4XAR
#
_cell.length_a   80.338
_cell.length_b   80.338
_cell.length_c   155.688
_cell.angle_alpha   90.000
_cell.angle_beta   90.000
_cell.angle_gamma   120.000
#
_symmetry.space_group_name_H-M   'P 32 2 1'
#
loop_
_entity.id
_entity.type
_entity.pdbx_description
1 polymer 'Metabotropic glutamate receptor 3'
2 non-polymer '(1S,2S,5R,6S)-2-aminobicyclo[3.1.0]hexane-2,6-dicarboxylic acid'
3 non-polymer 'IODIDE ION'
4 water water
#
_entity_poly.entity_id   1
_entity_poly.type   'polypeptide(L)'
_entity_poly.pdbx_seq_one_letter_code
;MALKMLTRLQVLTLALFSKGFLLSLGDHNFLRREIKIEGDLVLGGLFPINEKGTGTEECGRINEDRGIQRLEAMLFAIDE
INKDDYLLPGVKLGVHILDTCSRDTYALEQSLEFVRASLTKVDEAEYMCPDGSYAIQENIPLLIAGVIGGSYSSVSIQVA
NLLRLFQIPQISYASTSAKLSDKSRYDYFARTVPPDFYQAKAMAEILRFFNWTYVSTVASEGDYGETGIEAFEQEARLRN
ISIATAEKVGRSNIRKSYDSVIRELLQKPNARVVVLFMRSDDSRELIAAASRANASFTWVASDGWGAQESIIKGSEHVAY
GAITLELASQPVRQFDRYFQSLNPYNNHRNPWFRDFWEQKFQCSLQNKRNHRRVCDKHLAIDSSNYEQESKIMFVVNAVY
AMAHALHKMQRTLCPNTTKLCDAMKILDGKKLYKDYLLKINFTAPFNPNKDADSIVKFDTFGDGMGRYNVFNFQNVGGKY
SYLKVGHWAETLSLDVNSIHWSRNSVPTSEGHHHHHH
;
_entity_poly.pdbx_strand_id   A
#
loop_
_chem_comp.id
_chem_comp.type
_chem_comp.name
_chem_comp.formula
40F non-polymer '(1S,2S,5R,6S)-2-aminobicyclo[3.1.0]hexane-2,6-dicarboxylic acid' 'C8 H11 N O4'
IOD non-polymer 'IODIDE ION' 'I -1'
#
# COMPACT_ATOMS: atom_id res chain seq x y z
N ARG A 32 12.95 -8.37 20.37
CA ARG A 32 13.51 -7.81 19.13
C ARG A 32 13.03 -8.65 17.93
N ARG A 33 11.78 -8.39 17.46
CA ARG A 33 11.15 -9.16 16.39
C ARG A 33 11.59 -8.75 15.00
N GLU A 34 12.01 -9.76 14.22
CA GLU A 34 12.51 -9.63 12.84
C GLU A 34 12.58 -11.00 12.15
N ILE A 35 12.83 -10.98 10.84
CA ILE A 35 13.02 -12.17 9.99
C ILE A 35 14.39 -12.02 9.36
N LYS A 36 15.32 -12.86 9.78
CA LYS A 36 16.67 -12.88 9.22
C LYS A 36 16.90 -14.23 8.55
N ILE A 37 16.93 -14.24 7.22
CA ILE A 37 17.17 -15.42 6.42
C ILE A 37 18.46 -15.13 5.66
N GLU A 38 19.48 -15.96 5.89
CA GLU A 38 20.82 -15.84 5.30
C GLU A 38 20.83 -16.14 3.79
N GLY A 39 21.65 -15.40 3.05
CA GLY A 39 21.81 -15.55 1.61
C GLY A 39 23.10 -14.93 1.12
N ASP A 40 23.41 -15.11 -0.19
CA ASP A 40 24.61 -14.52 -0.82
C ASP A 40 24.47 -12.99 -0.86
N LEU A 41 23.24 -12.53 -1.15
CA LEU A 41 22.80 -11.14 -1.11
C LEU A 41 21.54 -11.12 -0.27
N VAL A 42 21.42 -10.12 0.62
CA VAL A 42 20.28 -9.97 1.51
C VAL A 42 19.47 -8.72 1.11
N LEU A 43 18.15 -8.88 1.04
CA LEU A 43 17.26 -7.76 0.79
C LEU A 43 16.58 -7.39 2.10
N GLY A 44 16.56 -6.08 2.38
CA GLY A 44 15.83 -5.54 3.51
C GLY A 44 14.36 -5.50 3.14
N GLY A 45 13.49 -5.62 4.13
CA GLY A 45 12.04 -5.54 3.94
C GLY A 45 11.40 -4.76 5.07
N LEU A 46 10.44 -3.85 4.72
CA LEU A 46 9.73 -3.03 5.72
C LEU A 46 8.24 -3.10 5.45
N PHE A 47 7.47 -3.58 6.43
CA PHE A 47 6.01 -3.75 6.26
C PHE A 47 5.30 -3.28 7.47
N PRO A 48 4.10 -2.63 7.34
CA PRO A 48 3.37 -2.19 8.55
C PRO A 48 2.69 -3.37 9.19
N ILE A 49 3.46 -4.29 9.80
CA ILE A 49 2.90 -5.52 10.44
C ILE A 49 1.85 -5.17 11.50
N ASN A 50 2.11 -4.13 12.27
CA ASN A 50 1.19 -3.65 13.29
C ASN A 50 0.77 -2.25 12.96
N GLU A 51 -0.43 -1.87 13.45
CA GLU A 51 -0.98 -0.51 13.34
C GLU A 51 -0.16 0.41 14.29
N LYS A 52 -0.42 1.74 14.25
CA LYS A 52 0.19 2.67 15.22
C LYS A 52 -0.51 2.35 16.55
N GLY A 53 0.22 2.49 17.66
CA GLY A 53 -0.36 2.26 18.98
C GLY A 53 -1.14 3.49 19.43
N THR A 54 -2.20 3.30 20.24
CA THR A 54 -3.03 4.40 20.75
C THR A 54 -2.32 5.13 21.90
N GLY A 55 -2.60 6.43 22.02
CA GLY A 55 -2.04 7.31 23.05
C GLY A 55 -0.53 7.44 23.02
N THR A 56 0.18 6.49 23.65
CA THR A 56 1.64 6.50 23.75
C THR A 56 2.33 5.33 23.01
N GLU A 57 1.86 4.07 23.24
CA GLU A 57 2.42 2.83 22.69
C GLU A 57 2.76 2.92 21.19
N GLU A 58 3.96 2.41 20.82
CA GLU A 58 4.49 2.43 19.46
C GLU A 58 3.69 1.53 18.51
N CYS A 59 3.34 0.32 18.99
CA CYS A 59 2.64 -0.68 18.18
C CYS A 59 1.28 -1.07 18.72
N GLY A 60 0.33 -1.28 17.81
CA GLY A 60 -1.04 -1.65 18.14
C GLY A 60 -1.40 -3.05 17.66
N ARG A 61 -2.63 -3.21 17.17
CA ARG A 61 -3.13 -4.48 16.63
C ARG A 61 -2.30 -4.87 15.40
N ILE A 62 -2.43 -6.12 14.98
CA ILE A 62 -1.79 -6.63 13.76
C ILE A 62 -2.58 -6.06 12.57
N ASN A 63 -1.88 -5.65 11.50
CA ASN A 63 -2.48 -5.21 10.24
C ASN A 63 -2.46 -6.48 9.37
N GLU A 64 -3.59 -7.16 9.28
CA GLU A 64 -3.74 -8.47 8.64
C GLU A 64 -3.41 -8.52 7.14
N ASP A 65 -4.10 -7.71 6.35
CA ASP A 65 -3.97 -7.68 4.89
C ASP A 65 -2.86 -6.78 4.38
N ARG A 66 -2.67 -5.59 4.95
CA ARG A 66 -1.61 -4.69 4.46
C ARG A 66 -0.28 -4.91 5.18
N GLY A 67 -0.34 -5.66 6.27
CA GLY A 67 0.85 -6.00 7.04
C GLY A 67 1.34 -7.39 6.75
N ILE A 68 0.70 -8.40 7.37
CA ILE A 68 1.04 -9.83 7.27
C ILE A 68 1.03 -10.40 5.85
N GLN A 69 -0.04 -10.22 5.05
CA GLN A 69 -0.09 -10.75 3.68
C GLN A 69 1.07 -10.21 2.84
N ARG A 70 1.36 -8.90 2.94
CA ARG A 70 2.42 -8.24 2.16
C ARG A 70 3.78 -8.78 2.51
N LEU A 71 4.03 -8.96 3.83
CA LEU A 71 5.24 -9.54 4.41
C LEU A 71 5.39 -10.93 3.73
N GLU A 72 4.31 -11.73 3.79
CA GLU A 72 4.31 -13.08 3.25
C GLU A 72 4.50 -13.10 1.74
N ALA A 73 4.00 -12.07 1.02
CA ALA A 73 4.21 -11.95 -0.43
C ALA A 73 5.68 -11.73 -0.76
N MET A 74 6.43 -11.09 0.16
CA MET A 74 7.87 -10.91 -0.04
C MET A 74 8.60 -12.25 0.20
N LEU A 75 8.22 -12.98 1.26
CA LEU A 75 8.82 -14.27 1.59
C LEU A 75 8.57 -15.27 0.44
N PHE A 76 7.35 -15.25 -0.13
CA PHE A 76 6.92 -16.05 -1.26
C PHE A 76 7.75 -15.72 -2.51
N ALA A 77 7.91 -14.40 -2.86
CA ALA A 77 8.68 -13.99 -4.04
C ALA A 77 10.12 -14.44 -3.92
N ILE A 78 10.72 -14.33 -2.72
CA ILE A 78 12.12 -14.72 -2.45
C ILE A 78 12.26 -16.24 -2.68
N ASP A 79 11.30 -17.03 -2.14
CA ASP A 79 11.26 -18.50 -2.29
C ASP A 79 11.20 -18.86 -3.77
N GLU A 80 10.35 -18.18 -4.55
CA GLU A 80 10.21 -18.38 -5.99
C GLU A 80 11.53 -18.05 -6.75
N ILE A 81 12.12 -16.87 -6.48
CA ILE A 81 13.41 -16.46 -7.07
C ILE A 81 14.51 -17.49 -6.75
N ASN A 82 14.53 -18.01 -5.52
CA ASN A 82 15.52 -19.00 -5.09
C ASN A 82 15.30 -20.38 -5.75
N LYS A 83 14.19 -20.58 -6.49
CA LYS A 83 13.84 -21.78 -7.25
C LYS A 83 13.95 -21.50 -8.77
N ASP A 84 14.17 -20.23 -9.14
CA ASP A 84 14.24 -19.81 -10.55
C ASP A 84 15.64 -20.08 -11.15
N ASP A 85 15.68 -20.91 -12.22
CA ASP A 85 16.91 -21.26 -12.94
C ASP A 85 17.37 -20.15 -13.86
N TYR A 86 16.47 -19.24 -14.24
CA TYR A 86 16.75 -18.13 -15.16
C TYR A 86 17.01 -16.78 -14.46
N LEU A 87 16.74 -16.69 -13.15
CA LEU A 87 16.89 -15.46 -12.36
C LEU A 87 17.73 -15.75 -11.15
N LEU A 88 18.96 -15.23 -11.14
CA LEU A 88 19.99 -15.40 -10.11
C LEU A 88 20.22 -16.89 -9.72
N PRO A 89 20.50 -17.81 -10.68
CA PRO A 89 20.88 -19.17 -10.26
C PRO A 89 22.33 -19.02 -9.75
N GLY A 90 22.66 -19.67 -8.65
CA GLY A 90 24.00 -19.46 -8.09
C GLY A 90 24.08 -18.29 -7.12
N VAL A 91 23.06 -17.41 -7.11
CA VAL A 91 23.02 -16.28 -6.16
C VAL A 91 21.73 -16.35 -5.33
N LYS A 92 21.84 -17.00 -4.16
CA LYS A 92 20.76 -17.18 -3.20
C LYS A 92 20.36 -15.84 -2.52
N LEU A 93 19.07 -15.46 -2.60
CA LEU A 93 18.57 -14.23 -1.95
C LEU A 93 18.10 -14.50 -0.53
N GLY A 94 18.71 -13.80 0.40
CA GLY A 94 18.33 -13.81 1.80
C GLY A 94 17.51 -12.58 2.13
N VAL A 95 16.96 -12.51 3.36
CA VAL A 95 16.14 -11.37 3.77
C VAL A 95 16.46 -10.85 5.18
N HIS A 96 16.04 -9.59 5.44
CA HIS A 96 16.09 -8.95 6.75
C HIS A 96 14.84 -8.09 6.80
N ILE A 97 13.76 -8.67 7.33
CA ILE A 97 12.45 -8.04 7.33
C ILE A 97 12.09 -7.55 8.69
N LEU A 98 11.66 -6.24 8.76
CA LEU A 98 11.29 -5.56 9.98
C LEU A 98 9.91 -4.89 9.91
N ASP A 99 9.32 -4.68 11.09
CA ASP A 99 8.03 -4.04 11.26
C ASP A 99 8.23 -2.54 11.36
N THR A 100 7.35 -1.76 10.74
CA THR A 100 7.43 -0.29 10.82
C THR A 100 6.41 0.24 11.87
N CYS A 101 5.50 -0.61 12.37
CA CYS A 101 4.38 -0.30 13.27
C CYS A 101 3.53 0.89 12.74
N SER A 102 3.52 1.03 11.38
CA SER A 102 2.79 2.05 10.62
C SER A 102 3.21 3.49 10.99
N ARG A 103 4.43 3.68 11.60
CA ARG A 103 4.99 4.97 12.04
C ARG A 103 6.33 5.24 11.39
N ASP A 104 6.54 6.47 10.88
CA ASP A 104 7.83 6.83 10.29
C ASP A 104 8.97 6.87 11.30
N THR A 105 8.67 7.21 12.54
CA THR A 105 9.65 7.31 13.64
C THR A 105 10.13 5.91 14.04
N TYR A 106 9.21 4.94 14.05
CA TYR A 106 9.52 3.56 14.36
C TYR A 106 10.34 2.94 13.20
N ALA A 107 9.96 3.26 11.96
CA ALA A 107 10.62 2.78 10.74
C ALA A 107 12.09 3.23 10.68
N LEU A 108 12.37 4.48 11.11
CA LEU A 108 13.74 5.00 11.14
C LEU A 108 14.60 4.16 12.10
N GLU A 109 14.06 3.88 13.31
CA GLU A 109 14.77 3.08 14.31
C GLU A 109 15.13 1.72 13.73
N GLN A 110 14.14 1.02 13.15
CA GLN A 110 14.30 -0.27 12.50
C GLN A 110 15.26 -0.21 11.33
N SER A 111 15.22 0.87 10.54
CA SER A 111 16.10 1.01 9.37
C SER A 111 17.56 1.17 9.71
N LEU A 112 17.87 1.55 10.97
CA LEU A 112 19.25 1.68 11.45
C LEU A 112 19.94 0.31 11.42
N GLU A 113 19.17 -0.79 11.61
CA GLU A 113 19.67 -2.16 11.54
C GLU A 113 20.24 -2.47 10.15
N PHE A 114 19.63 -1.92 9.11
CA PHE A 114 20.10 -2.13 7.74
C PHE A 114 21.42 -1.42 7.44
N VAL A 115 21.78 -0.40 8.23
CA VAL A 115 22.97 0.42 7.94
C VAL A 115 24.08 0.26 8.99
N ARG A 116 23.79 -0.48 10.07
CA ARG A 116 24.71 -0.77 11.16
C ARG A 116 25.98 -1.47 10.60
N ALA A 117 25.81 -2.32 9.57
CA ALA A 117 26.88 -3.04 8.87
C ALA A 117 27.85 -2.12 8.12
N SER A 118 27.47 -0.84 7.93
CA SER A 118 28.30 0.17 7.28
C SER A 118 28.83 1.22 8.27
N LEU A 119 28.30 1.21 9.51
CA LEU A 119 28.72 2.10 10.61
C LEU A 119 29.63 1.34 11.56
N LEU A 142 25.76 -7.60 8.93
CA LEU A 142 24.73 -8.02 7.97
C LEU A 142 24.51 -6.97 6.85
N LEU A 143 25.27 -7.10 5.73
CA LEU A 143 25.23 -6.20 4.58
C LEU A 143 23.88 -6.30 3.81
N ILE A 144 23.30 -5.15 3.38
CA ILE A 144 22.02 -5.07 2.67
C ILE A 144 22.20 -4.57 1.22
N ALA A 145 21.72 -5.35 0.23
CA ALA A 145 21.81 -5.02 -1.18
C ALA A 145 20.76 -4.03 -1.68
N GLY A 146 19.55 -4.12 -1.12
CA GLY A 146 18.41 -3.28 -1.49
C GLY A 146 17.32 -3.39 -0.45
N VAL A 147 16.39 -2.42 -0.45
CA VAL A 147 15.32 -2.46 0.55
C VAL A 147 13.95 -2.46 -0.12
N ILE A 148 13.07 -3.35 0.33
CA ILE A 148 11.69 -3.45 -0.18
C ILE A 148 10.75 -2.77 0.83
N GLY A 149 10.11 -1.69 0.41
CA GLY A 149 9.23 -0.92 1.28
C GLY A 149 9.52 0.57 1.40
N GLY A 150 8.76 1.27 2.26
CA GLY A 150 7.65 0.71 3.03
C GLY A 150 6.34 0.88 2.28
N SER A 151 5.23 0.92 3.02
CA SER A 151 3.85 1.11 2.55
C SER A 151 3.47 2.60 2.63
N TYR A 152 3.33 3.16 3.86
CA TYR A 152 2.99 4.58 4.09
C TYR A 152 4.06 5.45 3.49
N SER A 153 3.67 6.53 2.77
CA SER A 153 4.65 7.41 2.16
C SER A 153 5.57 8.08 3.18
N SER A 154 5.07 8.46 4.39
CA SER A 154 5.94 9.10 5.40
C SER A 154 7.06 8.14 5.84
N VAL A 155 6.73 6.87 6.02
CA VAL A 155 7.71 5.81 6.32
C VAL A 155 8.75 5.72 5.19
N SER A 156 8.30 5.54 3.93
CA SER A 156 9.23 5.41 2.80
C SER A 156 10.15 6.59 2.67
N ILE A 157 9.64 7.80 2.96
CA ILE A 157 10.41 9.05 2.91
C ILE A 157 11.48 9.05 3.99
N GLN A 158 11.11 8.75 5.23
CA GLN A 158 12.04 8.70 6.36
C GLN A 158 13.15 7.69 6.14
N VAL A 159 12.80 6.50 5.61
CA VAL A 159 13.72 5.40 5.31
C VAL A 159 14.68 5.85 4.20
N ALA A 160 14.14 6.42 3.13
CA ALA A 160 14.91 6.94 2.00
C ALA A 160 15.96 7.98 2.42
N ASN A 161 15.62 8.87 3.38
CA ASN A 161 16.54 9.90 3.90
C ASN A 161 17.79 9.24 4.51
N LEU A 162 17.60 8.11 5.18
CA LEU A 162 18.68 7.33 5.76
C LEU A 162 19.43 6.47 4.71
N LEU A 163 18.70 5.65 3.91
CA LEU A 163 19.31 4.73 2.90
C LEU A 163 20.17 5.41 1.89
N ARG A 164 19.76 6.59 1.41
CA ARG A 164 20.56 7.31 0.41
C ARG A 164 21.99 7.63 0.90
N LEU A 165 22.22 7.66 2.23
CA LEU A 165 23.53 7.96 2.83
C LEU A 165 24.49 6.78 2.75
N PHE A 166 23.96 5.59 2.40
CA PHE A 166 24.72 4.35 2.30
C PHE A 166 24.55 3.76 0.88
N GLN A 167 24.06 4.58 -0.09
CA GLN A 167 23.84 4.17 -1.48
C GLN A 167 23.02 2.87 -1.57
N ILE A 168 22.03 2.70 -0.68
CA ILE A 168 21.19 1.50 -0.70
C ILE A 168 19.93 1.74 -1.52
N PRO A 169 19.73 1.05 -2.66
CA PRO A 169 18.49 1.21 -3.43
C PRO A 169 17.25 0.76 -2.65
N GLN A 170 16.16 1.48 -2.85
CA GLN A 170 14.91 1.23 -2.17
C GLN A 170 13.76 1.14 -3.17
N ILE A 171 12.91 0.12 -3.02
CA ILE A 171 11.75 0.02 -3.92
C ILE A 171 10.53 -0.08 -3.07
N SER A 172 9.61 0.87 -3.22
CA SER A 172 8.36 0.78 -2.48
C SER A 172 7.31 0.09 -3.35
N TYR A 173 6.46 -0.71 -2.72
CA TYR A 173 5.37 -1.42 -3.41
C TYR A 173 4.01 -0.72 -3.14
N ALA A 174 3.98 0.37 -2.33
CA ALA A 174 2.69 1.04 -1.99
C ALA A 174 2.75 2.56 -1.80
N SER A 175 3.95 3.15 -1.63
CA SER A 175 4.03 4.61 -1.41
C SER A 175 3.80 5.39 -2.68
N THR A 176 2.70 6.13 -2.71
CA THR A 176 2.32 6.89 -3.90
C THR A 176 2.53 8.41 -3.86
N SER A 177 3.12 8.97 -2.77
CA SER A 177 3.33 10.44 -2.71
C SER A 177 4.09 10.93 -3.93
N ALA A 178 3.64 12.06 -4.52
CA ALA A 178 4.31 12.66 -5.67
C ALA A 178 5.68 13.20 -5.26
N LYS A 179 5.89 13.46 -3.94
CA LYS A 179 7.15 13.94 -3.33
C LYS A 179 8.29 12.98 -3.63
N LEU A 180 8.00 11.66 -3.56
CA LEU A 180 8.99 10.59 -3.81
C LEU A 180 9.47 10.52 -5.26
N SER A 181 8.86 11.28 -6.18
CA SER A 181 9.30 11.36 -7.59
C SER A 181 10.47 12.35 -7.74
N ASP A 182 10.78 13.14 -6.67
CA ASP A 182 11.91 14.10 -6.65
C ASP A 182 13.21 13.33 -6.49
N LYS A 183 13.89 13.09 -7.63
CA LYS A 183 15.17 12.39 -7.70
C LYS A 183 16.36 13.19 -7.19
N SER A 184 16.25 14.52 -7.03
CA SER A 184 17.36 15.30 -6.45
C SER A 184 17.40 15.06 -4.94
N ARG A 185 16.27 14.66 -4.34
CA ARG A 185 16.13 14.34 -2.92
C ARG A 185 16.10 12.81 -2.63
N TYR A 186 15.40 12.01 -3.46
CA TYR A 186 15.26 10.55 -3.23
C TYR A 186 15.93 9.83 -4.39
N ASP A 187 17.26 10.03 -4.49
CA ASP A 187 18.12 9.52 -5.56
C ASP A 187 18.31 8.00 -5.53
N TYR A 188 17.91 7.31 -4.47
CA TYR A 188 18.03 5.85 -4.41
C TYR A 188 16.69 5.15 -4.34
N PHE A 189 15.63 5.91 -4.65
CA PHE A 189 14.27 5.39 -4.52
C PHE A 189 13.60 5.16 -5.87
N ALA A 190 12.93 4.03 -5.97
CA ALA A 190 12.08 3.70 -7.10
C ALA A 190 10.84 3.00 -6.52
N ARG A 191 9.86 2.70 -7.36
CA ARG A 191 8.62 2.10 -6.89
C ARG A 191 7.83 1.47 -8.03
N THR A 192 7.15 0.35 -7.73
CA THR A 192 6.31 -0.35 -8.72
C THR A 192 4.94 0.30 -8.81
N VAL A 193 4.74 1.40 -8.09
CA VAL A 193 3.46 2.09 -8.04
C VAL A 193 3.59 3.50 -8.62
N PRO A 194 2.48 4.13 -9.09
CA PRO A 194 2.62 5.47 -9.67
C PRO A 194 2.52 6.63 -8.66
N PRO A 195 2.93 7.87 -9.05
CA PRO A 195 2.74 9.01 -8.13
C PRO A 195 1.26 9.43 -8.14
N ASP A 196 0.79 10.07 -7.07
CA ASP A 196 -0.61 10.50 -6.92
C ASP A 196 -1.02 11.69 -7.79
N PHE A 197 -0.12 12.15 -8.66
CA PHE A 197 -0.46 13.16 -9.66
C PHE A 197 -1.63 12.57 -10.51
N TYR A 198 -1.55 11.27 -10.84
CA TYR A 198 -2.56 10.57 -11.64
C TYR A 198 -3.84 10.24 -10.88
N GLN A 199 -3.74 9.72 -9.64
CA GLN A 199 -4.92 9.40 -8.82
C GLN A 199 -5.80 10.61 -8.61
N ALA A 200 -5.17 11.76 -8.32
CA ALA A 200 -5.85 13.04 -8.10
C ALA A 200 -6.64 13.45 -9.35
N LYS A 201 -6.02 13.27 -10.56
CA LYS A 201 -6.59 13.54 -11.89
C LYS A 201 -7.81 12.60 -12.07
N ALA A 202 -7.59 11.28 -11.82
CA ALA A 202 -8.62 10.24 -11.89
C ALA A 202 -9.85 10.61 -11.06
N MET A 203 -9.65 11.12 -9.83
CA MET A 203 -10.73 11.54 -8.91
C MET A 203 -11.43 12.78 -9.39
N ALA A 204 -10.68 13.76 -9.91
CA ALA A 204 -11.30 14.98 -10.44
C ALA A 204 -12.13 14.63 -11.68
N GLU A 205 -11.67 13.66 -12.51
CA GLU A 205 -12.42 13.24 -13.68
C GLU A 205 -13.73 12.53 -13.30
N ILE A 206 -13.73 11.73 -12.19
CA ILE A 206 -14.94 11.09 -11.68
C ILE A 206 -15.95 12.17 -11.28
N LEU A 207 -15.51 13.23 -10.57
CA LEU A 207 -16.45 14.25 -10.15
C LEU A 207 -17.00 15.02 -11.33
N ARG A 208 -16.11 15.36 -12.29
CA ARG A 208 -16.46 16.10 -13.48
C ARG A 208 -17.51 15.31 -14.30
N PHE A 209 -17.32 13.98 -14.44
CA PHE A 209 -18.22 13.08 -15.14
C PHE A 209 -19.66 13.12 -14.56
N PHE A 210 -19.79 13.18 -13.23
CA PHE A 210 -21.07 13.19 -12.52
C PHE A 210 -21.55 14.59 -12.17
N ASN A 211 -20.85 15.62 -12.65
CA ASN A 211 -21.18 17.03 -12.42
C ASN A 211 -21.22 17.39 -10.93
N TRP A 212 -20.30 16.78 -10.14
CA TRP A 212 -20.10 17.05 -8.72
C TRP A 212 -19.15 18.26 -8.72
N THR A 213 -19.75 19.44 -8.85
CA THR A 213 -19.04 20.70 -9.04
C THR A 213 -18.86 21.54 -7.75
N TYR A 214 -19.42 21.07 -6.61
CA TYR A 214 -19.28 21.75 -5.33
C TYR A 214 -19.09 20.64 -4.29
N VAL A 215 -17.81 20.40 -3.92
CA VAL A 215 -17.40 19.29 -3.06
C VAL A 215 -16.59 19.71 -1.85
N SER A 216 -16.53 18.86 -0.84
CA SER A 216 -15.67 19.11 0.31
C SER A 216 -14.48 18.14 0.22
N THR A 217 -13.37 18.48 0.88
CA THR A 217 -12.19 17.63 0.88
C THR A 217 -11.75 17.37 2.30
N VAL A 218 -11.29 16.14 2.56
CA VAL A 218 -10.70 15.72 3.84
C VAL A 218 -9.40 14.98 3.53
N ALA A 219 -8.29 15.40 4.16
CA ALA A 219 -6.99 14.78 3.94
C ALA A 219 -6.27 14.40 5.22
N SER A 220 -5.54 13.30 5.19
CA SER A 220 -4.72 12.89 6.32
C SER A 220 -3.51 13.82 6.28
N GLU A 221 -3.05 14.30 7.44
CA GLU A 221 -1.83 15.09 7.51
C GLU A 221 -0.67 14.18 7.16
N GLY A 222 0.39 14.75 6.65
CA GLY A 222 1.52 13.93 6.27
C GLY A 222 1.73 13.97 4.79
N ASP A 223 2.70 13.20 4.32
CA ASP A 223 3.17 13.15 2.95
C ASP A 223 2.17 12.61 1.93
N TYR A 224 1.33 11.70 2.35
CA TYR A 224 0.36 11.14 1.45
C TYR A 224 -0.82 12.07 1.21
N GLY A 225 -1.56 12.39 2.28
CA GLY A 225 -2.80 13.16 2.20
C GLY A 225 -2.71 14.57 1.67
N GLU A 226 -1.73 15.33 2.16
CA GLU A 226 -1.60 16.74 1.84
C GLU A 226 -1.23 17.00 0.42
N THR A 227 -0.25 16.29 -0.13
CA THR A 227 0.16 16.50 -1.52
C THR A 227 -0.85 15.90 -2.49
N GLY A 228 -1.49 14.79 -2.06
CA GLY A 228 -2.55 14.16 -2.83
C GLY A 228 -3.73 15.08 -2.99
N ILE A 229 -4.23 15.65 -1.89
CA ILE A 229 -5.35 16.56 -1.99
C ILE A 229 -4.96 17.90 -2.68
N GLU A 230 -3.72 18.42 -2.44
CA GLU A 230 -3.25 19.62 -3.12
C GLU A 230 -3.29 19.43 -4.67
N ALA A 231 -2.85 18.25 -5.16
CA ALA A 231 -2.90 17.91 -6.58
C ALA A 231 -4.37 17.80 -7.05
N PHE A 232 -5.25 17.23 -6.21
CA PHE A 232 -6.67 17.08 -6.54
C PHE A 232 -7.29 18.45 -6.69
N GLU A 233 -6.98 19.40 -5.78
CA GLU A 233 -7.54 20.75 -5.80
C GLU A 233 -7.20 21.49 -7.11
N GLN A 234 -5.98 21.27 -7.67
CA GLN A 234 -5.56 21.88 -8.94
C GLN A 234 -6.31 21.27 -10.13
N GLU A 235 -6.46 19.94 -10.15
CA GLU A 235 -7.19 19.21 -11.19
C GLU A 235 -8.67 19.58 -11.17
N ALA A 236 -9.25 19.68 -9.97
CA ALA A 236 -10.63 20.06 -9.80
C ALA A 236 -10.87 21.49 -10.34
N ARG A 237 -9.96 22.43 -10.02
CA ARG A 237 -10.00 23.83 -10.46
C ARG A 237 -9.89 23.93 -11.99
N LEU A 238 -9.15 23.00 -12.65
CA LEU A 238 -9.04 22.94 -14.11
C LEU A 238 -10.37 22.48 -14.73
N ARG A 239 -11.22 21.80 -13.93
CA ARG A 239 -12.50 21.24 -14.38
C ARG A 239 -13.72 21.98 -13.82
N ASN A 240 -13.52 23.23 -13.37
CA ASN A 240 -14.55 24.12 -12.81
C ASN A 240 -15.29 23.47 -11.63
N ILE A 241 -14.57 22.64 -10.84
CA ILE A 241 -15.07 22.01 -9.63
C ILE A 241 -14.61 22.92 -8.47
N SER A 242 -15.56 23.39 -7.67
CA SER A 242 -15.29 24.28 -6.55
C SER A 242 -15.23 23.49 -5.26
N ILE A 243 -14.34 23.89 -4.34
CA ILE A 243 -14.17 23.21 -3.06
C ILE A 243 -14.84 24.03 -1.93
N ALA A 244 -15.88 23.45 -1.31
CA ALA A 244 -16.67 24.04 -0.22
C ALA A 244 -15.84 24.27 1.03
N THR A 245 -15.21 23.19 1.56
CA THR A 245 -14.32 23.25 2.70
C THR A 245 -13.17 22.25 2.55
N ALA A 246 -11.99 22.61 3.05
CA ALA A 246 -10.79 21.79 2.98
C ALA A 246 -10.34 21.44 4.38
N GLU A 247 -10.57 20.19 4.81
CA GLU A 247 -10.14 19.80 6.15
C GLU A 247 -8.97 18.84 6.14
N LYS A 248 -8.22 18.84 7.23
CA LYS A 248 -7.08 17.96 7.47
C LYS A 248 -7.30 17.24 8.80
N VAL A 249 -6.95 15.95 8.84
CA VAL A 249 -7.08 15.09 10.03
C VAL A 249 -5.73 14.46 10.38
N GLY A 250 -5.58 14.03 11.62
CA GLY A 250 -4.36 13.38 12.08
C GLY A 250 -4.14 13.39 13.58
N ARG A 251 -3.12 12.64 14.01
CA ARG A 251 -2.78 12.52 15.44
C ARG A 251 -2.00 13.69 16.01
N SER A 252 -1.49 14.62 15.17
CA SER A 252 -0.66 15.74 15.66
C SER A 252 -1.42 16.83 16.40
N ASN A 253 -0.68 17.67 17.16
CA ASN A 253 -1.12 18.82 17.95
C ASN A 253 -1.78 19.96 17.11
N ILE A 254 -1.71 19.89 15.81
CA ILE A 254 -2.13 21.00 15.00
C ILE A 254 -3.46 20.72 14.33
N ARG A 255 -3.88 19.47 14.42
CA ARG A 255 -5.12 18.99 13.82
C ARG A 255 -6.37 19.24 14.64
N LYS A 256 -7.45 19.60 13.95
CA LYS A 256 -8.72 19.73 14.63
C LYS A 256 -9.35 18.35 14.79
N SER A 257 -10.30 18.25 15.73
CA SER A 257 -11.04 17.04 16.07
C SER A 257 -11.73 16.40 14.85
N TYR A 258 -11.94 15.06 14.89
CA TYR A 258 -12.69 14.37 13.84
C TYR A 258 -14.15 14.86 13.83
N ASP A 259 -14.69 15.17 15.03
CA ASP A 259 -16.04 15.72 15.21
C ASP A 259 -16.08 17.15 14.73
N SER A 260 -14.98 17.90 14.89
CA SER A 260 -14.92 19.29 14.40
C SER A 260 -14.90 19.33 12.86
N VAL A 261 -14.22 18.33 12.23
CA VAL A 261 -14.14 18.14 10.78
C VAL A 261 -15.53 17.79 10.22
N ILE A 262 -16.25 16.84 10.86
CA ILE A 262 -17.60 16.45 10.45
C ILE A 262 -18.56 17.67 10.55
N ARG A 263 -18.40 18.50 11.61
CA ARG A 263 -19.15 19.74 11.78
C ARG A 263 -18.88 20.73 10.64
N GLU A 264 -17.64 20.77 10.12
CA GLU A 264 -17.26 21.63 8.98
C GLU A 264 -17.93 21.14 7.69
N LEU A 265 -18.05 19.81 7.52
CA LEU A 265 -18.68 19.23 6.34
C LEU A 265 -20.20 19.49 6.35
N LEU A 266 -20.84 19.42 7.53
CA LEU A 266 -22.28 19.66 7.68
C LEU A 266 -22.67 21.13 7.53
N GLN A 267 -21.74 22.07 7.78
CA GLN A 267 -21.93 23.51 7.60
C GLN A 267 -22.01 23.92 6.11
N LYS A 268 -21.75 22.98 5.19
CA LYS A 268 -21.84 23.21 3.73
C LYS A 268 -22.75 22.07 3.24
N PRO A 269 -24.10 22.16 3.45
CA PRO A 269 -24.98 21.02 3.13
C PRO A 269 -25.11 20.71 1.64
N ASN A 270 -24.83 21.69 0.78
CA ASN A 270 -24.82 21.58 -0.68
C ASN A 270 -23.74 20.60 -1.17
N ALA A 271 -22.62 20.50 -0.41
CA ALA A 271 -21.50 19.62 -0.75
C ALA A 271 -21.75 18.24 -0.14
N ARG A 272 -22.45 17.38 -0.87
CA ARG A 272 -22.83 16.03 -0.44
C ARG A 272 -21.74 15.01 -0.75
N VAL A 273 -20.86 15.33 -1.71
CA VAL A 273 -19.73 14.53 -2.12
C VAL A 273 -18.50 15.06 -1.35
N VAL A 274 -17.83 14.19 -0.60
CA VAL A 274 -16.62 14.50 0.17
C VAL A 274 -15.46 13.66 -0.38
N VAL A 275 -14.44 14.33 -0.94
CA VAL A 275 -13.26 13.68 -1.50
C VAL A 275 -12.26 13.47 -0.37
N LEU A 276 -11.73 12.26 -0.23
CA LEU A 276 -10.78 11.91 0.79
C LEU A 276 -9.44 11.42 0.26
N PHE A 277 -8.35 12.00 0.72
CA PHE A 277 -7.04 11.47 0.50
C PHE A 277 -6.49 11.17 1.87
N MET A 278 -6.63 9.95 2.32
CA MET A 278 -6.54 9.65 3.71
C MET A 278 -5.99 8.30 3.99
N ARG A 279 -5.25 8.22 5.06
CA ARG A 279 -4.82 6.96 5.58
C ARG A 279 -6.00 6.15 6.02
N SER A 280 -5.78 4.86 6.08
CA SER A 280 -6.76 3.90 6.48
C SER A 280 -7.19 4.11 7.91
N ASP A 281 -6.22 4.21 8.80
CA ASP A 281 -6.51 4.46 10.18
C ASP A 281 -7.29 5.73 10.37
N ASP A 282 -6.91 6.79 9.68
CA ASP A 282 -7.68 8.02 9.73
C ASP A 282 -9.11 7.92 9.14
N SER A 283 -9.31 7.15 8.08
CA SER A 283 -10.61 6.94 7.40
C SER A 283 -11.63 6.36 8.37
N ARG A 284 -11.20 5.43 9.25
CA ARG A 284 -12.01 4.76 10.28
C ARG A 284 -12.51 5.77 11.30
N GLU A 285 -11.62 6.65 11.79
CA GLU A 285 -11.98 7.66 12.79
C GLU A 285 -12.98 8.67 12.23
N LEU A 286 -12.87 9.03 10.92
CA LEU A 286 -13.79 9.98 10.29
C LEU A 286 -15.18 9.37 10.13
N ILE A 287 -15.22 8.10 9.69
CA ILE A 287 -16.45 7.33 9.49
C ILE A 287 -17.20 7.20 10.86
N ALA A 288 -16.45 6.91 11.94
CA ALA A 288 -17.00 6.83 13.30
C ALA A 288 -17.57 8.18 13.73
N ALA A 289 -16.88 9.29 13.41
CA ALA A 289 -17.35 10.64 13.70
C ALA A 289 -18.62 10.98 12.90
N ALA A 290 -18.65 10.62 11.59
CA ALA A 290 -19.81 10.83 10.70
C ALA A 290 -21.04 10.08 11.27
N SER A 291 -20.82 8.85 11.80
CA SER A 291 -21.83 7.97 12.42
C SER A 291 -22.46 8.65 13.65
N ARG A 292 -21.63 9.16 14.56
CA ARG A 292 -22.02 9.87 15.78
C ARG A 292 -22.88 11.11 15.50
N ALA A 293 -22.65 11.77 14.36
CA ALA A 293 -23.38 12.97 14.00
C ALA A 293 -24.48 12.64 12.99
N ASN A 294 -24.69 11.34 12.69
CA ASN A 294 -25.70 10.85 11.74
C ASN A 294 -25.58 11.57 10.38
N ALA A 295 -24.31 11.92 10.02
CA ALA A 295 -23.93 12.61 8.81
C ALA A 295 -23.99 11.64 7.64
N SER A 296 -24.57 12.11 6.54
CA SER A 296 -24.70 11.30 5.33
C SER A 296 -23.91 11.96 4.21
N PHE A 297 -22.94 11.23 3.63
CA PHE A 297 -22.13 11.78 2.53
C PHE A 297 -21.81 10.74 1.49
N THR A 298 -21.58 11.19 0.25
CA THR A 298 -21.07 10.34 -0.80
C THR A 298 -19.53 10.52 -0.74
N TRP A 299 -18.86 9.52 -0.21
CA TRP A 299 -17.40 9.54 -0.05
C TRP A 299 -16.77 9.12 -1.37
N VAL A 300 -15.76 9.88 -1.81
CA VAL A 300 -14.94 9.58 -3.00
C VAL A 300 -13.50 9.52 -2.43
N ALA A 301 -12.98 8.29 -2.23
CA ALA A 301 -11.73 8.05 -1.53
C ALA A 301 -10.60 7.47 -2.35
N SER A 302 -9.37 7.88 -2.00
CA SER A 302 -8.13 7.44 -2.63
C SER A 302 -7.75 6.00 -2.22
N ASP A 303 -6.62 5.47 -2.69
CA ASP A 303 -6.20 4.10 -2.36
C ASP A 303 -5.97 3.82 -0.87
N GLY A 304 -5.78 4.87 -0.07
CA GLY A 304 -5.61 4.75 1.38
C GLY A 304 -6.77 3.98 2.00
N TRP A 305 -7.98 4.22 1.48
CA TRP A 305 -9.21 3.52 1.83
C TRP A 305 -9.28 2.30 0.90
N GLY A 306 -9.22 2.53 -0.42
CA GLY A 306 -9.23 1.48 -1.44
C GLY A 306 -10.45 0.56 -1.34
N ALA A 307 -10.23 -0.73 -1.46
CA ALA A 307 -11.31 -1.73 -1.35
C ALA A 307 -11.12 -2.54 -0.08
N GLN A 308 -10.83 -1.87 1.01
CA GLN A 308 -10.59 -2.51 2.26
C GLN A 308 -11.83 -2.61 3.10
N GLU A 309 -12.12 -3.83 3.50
CA GLU A 309 -13.30 -4.08 4.32
C GLU A 309 -13.06 -3.72 5.79
N SER A 310 -11.78 -3.59 6.20
CA SER A 310 -11.38 -3.24 7.56
C SER A 310 -11.84 -1.83 7.94
N ILE A 311 -11.96 -0.95 6.95
CA ILE A 311 -12.41 0.42 7.21
C ILE A 311 -13.92 0.53 7.43
N ILE A 312 -14.69 -0.27 6.69
CA ILE A 312 -16.16 -0.22 6.75
C ILE A 312 -16.82 -1.20 7.76
N LYS A 313 -16.15 -2.33 8.12
CA LYS A 313 -16.67 -3.36 9.02
C LYS A 313 -17.27 -2.76 10.31
N GLY A 314 -18.57 -2.97 10.49
CA GLY A 314 -19.33 -2.47 11.62
C GLY A 314 -20.05 -1.15 11.36
N SER A 315 -19.54 -0.37 10.38
CA SER A 315 -20.10 0.94 9.99
C SER A 315 -20.43 0.97 8.48
N GLU A 316 -20.95 -0.15 7.95
CA GLU A 316 -21.31 -0.29 6.54
C GLU A 316 -22.36 0.73 6.09
N HIS A 317 -23.33 1.07 6.97
CA HIS A 317 -24.41 2.01 6.66
C HIS A 317 -23.97 3.46 6.35
N VAL A 318 -22.95 3.97 7.04
CA VAL A 318 -22.47 5.35 6.89
C VAL A 318 -21.52 5.51 5.67
N ALA A 319 -20.98 4.40 5.17
CA ALA A 319 -20.07 4.39 4.02
C ALA A 319 -20.73 3.83 2.76
N TYR A 320 -22.05 3.55 2.82
CA TYR A 320 -22.82 3.01 1.70
C TYR A 320 -22.78 3.92 0.49
N GLY A 321 -22.53 3.35 -0.68
CA GLY A 321 -22.48 4.07 -1.94
C GLY A 321 -21.17 4.80 -2.21
N ALA A 322 -20.14 4.55 -1.39
CA ALA A 322 -18.80 5.16 -1.52
C ALA A 322 -18.16 4.73 -2.81
N ILE A 323 -17.44 5.67 -3.42
CA ILE A 323 -16.65 5.43 -4.61
C ILE A 323 -15.21 5.43 -4.14
N THR A 324 -14.46 4.36 -4.41
CA THR A 324 -13.07 4.31 -4.02
C THR A 324 -12.19 3.97 -5.20
N LEU A 325 -10.91 4.36 -5.11
CA LEU A 325 -9.90 4.02 -6.10
C LEU A 325 -8.91 3.11 -5.43
N GLU A 326 -8.27 2.32 -6.23
CA GLU A 326 -7.18 1.46 -5.83
C GLU A 326 -6.38 1.27 -7.08
N LEU A 327 -5.07 1.07 -6.95
CA LEU A 327 -4.17 0.86 -8.09
C LEU A 327 -4.63 -0.37 -8.87
N ALA A 328 -4.59 -0.28 -10.21
CA ALA A 328 -5.03 -1.41 -11.02
C ALA A 328 -4.03 -2.57 -10.86
N SER A 329 -4.54 -3.69 -10.35
CA SER A 329 -3.74 -4.87 -10.11
C SER A 329 -4.52 -6.12 -10.47
N GLN A 330 -3.79 -7.21 -10.61
CA GLN A 330 -4.23 -8.53 -11.00
C GLN A 330 -3.70 -9.49 -9.89
N PRO A 331 -4.55 -10.34 -9.24
CA PRO A 331 -4.01 -11.21 -8.17
C PRO A 331 -2.99 -12.22 -8.67
N VAL A 332 -1.97 -12.49 -7.84
CA VAL A 332 -0.93 -13.49 -8.07
C VAL A 332 -1.55 -14.82 -7.53
N ARG A 333 -2.05 -15.70 -8.42
CA ARG A 333 -2.73 -16.97 -8.10
C ARG A 333 -1.87 -17.92 -7.24
N GLN A 334 -0.57 -18.00 -7.55
CA GLN A 334 0.39 -18.83 -6.83
C GLN A 334 0.53 -18.33 -5.39
N PHE A 335 0.32 -17.00 -5.16
CA PHE A 335 0.36 -16.43 -3.81
C PHE A 335 -0.78 -16.93 -2.97
N ASP A 336 -2.01 -16.95 -3.54
CA ASP A 336 -3.23 -17.45 -2.86
C ASP A 336 -2.99 -18.86 -2.30
N ARG A 337 -2.40 -19.74 -3.11
CA ARG A 337 -2.06 -21.11 -2.75
C ARG A 337 -1.07 -21.11 -1.59
N TYR A 338 0.00 -20.31 -1.72
CA TYR A 338 1.05 -20.22 -0.70
C TYR A 338 0.50 -19.71 0.65
N PHE A 339 -0.28 -18.61 0.59
CA PHE A 339 -0.82 -17.95 1.78
C PHE A 339 -1.85 -18.79 2.52
N GLN A 340 -2.73 -19.49 1.80
CA GLN A 340 -3.76 -20.34 2.38
C GLN A 340 -3.18 -21.61 3.05
N SER A 341 -1.95 -22.00 2.68
CA SER A 341 -1.27 -23.17 3.27
C SER A 341 -0.62 -22.83 4.60
N LEU A 342 -0.50 -21.54 4.93
CA LEU A 342 0.18 -21.14 6.17
C LEU A 342 -0.71 -21.33 7.44
N ASN A 343 -0.10 -21.82 8.52
CA ASN A 343 -0.76 -21.97 9.81
C ASN A 343 0.30 -21.78 10.91
N PRO A 344 -0.08 -21.60 12.21
CA PRO A 344 0.96 -21.36 13.22
C PRO A 344 1.85 -22.56 13.53
N TYR A 345 1.55 -23.74 12.93
CA TYR A 345 2.29 -24.98 13.16
C TYR A 345 3.34 -25.24 12.09
N ASN A 346 3.18 -24.69 10.88
CA ASN A 346 4.15 -24.88 9.80
C ASN A 346 4.92 -23.57 9.46
N ASN A 347 4.44 -22.40 9.92
CA ASN A 347 5.10 -21.13 9.61
C ASN A 347 6.02 -20.70 10.74
N HIS A 348 7.22 -21.28 10.75
CA HIS A 348 8.23 -21.05 11.77
C HIS A 348 9.03 -19.75 11.59
N ARG A 349 9.25 -19.31 10.34
CA ARG A 349 10.09 -18.16 10.02
C ARG A 349 9.44 -16.77 10.28
N ASN A 350 8.10 -16.68 10.39
CA ASN A 350 7.42 -15.40 10.65
C ASN A 350 7.08 -15.26 12.17
N PRO A 351 7.83 -14.42 12.94
CA PRO A 351 7.57 -14.31 14.40
C PRO A 351 6.27 -13.60 14.80
N TRP A 352 5.61 -12.91 13.85
CA TRP A 352 4.34 -12.21 14.09
C TRP A 352 3.15 -13.04 13.70
N PHE A 353 3.38 -14.21 13.08
CA PHE A 353 2.27 -15.03 12.58
C PHE A 353 1.31 -15.54 13.67
N ARG A 354 1.84 -15.84 14.87
CA ARG A 354 1.02 -16.30 16.01
C ARG A 354 0.05 -15.21 16.47
N ASP A 355 0.56 -13.97 16.64
CA ASP A 355 -0.28 -12.82 17.00
C ASP A 355 -1.35 -12.55 15.93
N PHE A 356 -0.97 -12.67 14.63
CA PHE A 356 -1.85 -12.52 13.46
C PHE A 356 -3.00 -13.51 13.55
N TRP A 357 -2.67 -14.81 13.72
CA TRP A 357 -3.62 -15.92 13.82
C TRP A 357 -4.60 -15.72 14.98
N GLU A 358 -4.10 -15.38 16.17
CA GLU A 358 -4.88 -15.11 17.38
C GLU A 358 -5.84 -13.96 17.18
N GLN A 359 -5.41 -12.91 16.44
CA GLN A 359 -6.27 -11.76 16.14
C GLN A 359 -7.31 -12.13 15.09
N LYS A 360 -6.86 -12.64 13.92
CA LYS A 360 -7.72 -13.03 12.79
C LYS A 360 -8.86 -13.95 13.21
N PHE A 361 -8.59 -14.94 14.09
CA PHE A 361 -9.62 -15.90 14.51
C PHE A 361 -10.18 -15.64 15.93
N GLN A 362 -9.80 -14.52 16.57
CA GLN A 362 -10.31 -14.07 17.89
C GLN A 362 -10.23 -15.19 18.95
N CYS A 363 -9.05 -15.82 19.07
CA CYS A 363 -8.82 -16.93 19.99
C CYS A 363 -7.40 -16.96 20.52
N SER A 364 -7.14 -17.86 21.48
CA SER A 364 -5.81 -18.09 22.08
C SER A 364 -5.34 -19.49 21.70
N LEU A 365 -4.08 -19.61 21.26
CA LEU A 365 -3.51 -20.89 20.81
C LEU A 365 -3.24 -21.89 21.93
N ARG A 373 -12.61 -19.00 22.54
CA ARG A 373 -11.53 -18.85 23.50
C ARG A 373 -10.27 -19.58 23.05
N VAL A 374 -10.35 -20.90 22.81
CA VAL A 374 -9.18 -21.67 22.38
C VAL A 374 -9.23 -21.91 20.89
N CYS A 375 -8.12 -21.57 20.17
CA CYS A 375 -7.98 -21.77 18.71
C CYS A 375 -8.10 -23.25 18.38
N ASP A 376 -9.03 -23.58 17.47
CA ASP A 376 -9.21 -24.93 16.96
C ASP A 376 -8.01 -25.22 16.05
N LYS A 377 -7.34 -26.37 16.28
CA LYS A 377 -6.18 -26.84 15.53
C LYS A 377 -6.38 -26.83 14.01
N HIS A 378 -7.64 -26.97 13.53
CA HIS A 378 -7.93 -27.03 12.09
C HIS A 378 -8.46 -25.73 11.49
N LEU A 379 -8.25 -24.60 12.20
CA LEU A 379 -8.56 -23.27 11.64
C LEU A 379 -7.64 -23.12 10.40
N ALA A 380 -8.18 -22.59 9.29
CA ALA A 380 -7.46 -22.40 8.03
C ALA A 380 -7.81 -21.10 7.30
N ILE A 381 -6.78 -20.45 6.71
CA ILE A 381 -6.95 -19.25 5.87
C ILE A 381 -7.50 -19.83 4.56
N ASP A 382 -8.67 -19.37 4.15
CA ASP A 382 -9.33 -19.86 2.93
C ASP A 382 -10.20 -18.75 2.32
N SER A 383 -10.80 -19.04 1.13
CA SER A 383 -11.68 -18.13 0.39
C SER A 383 -12.88 -17.64 1.19
N SER A 384 -13.21 -18.29 2.32
CA SER A 384 -14.31 -17.89 3.19
C SER A 384 -13.91 -16.75 4.15
N ASN A 385 -12.60 -16.60 4.43
CA ASN A 385 -12.11 -15.57 5.37
C ASN A 385 -10.94 -14.76 4.78
N TYR A 386 -10.60 -14.99 3.50
CA TYR A 386 -9.44 -14.34 2.90
C TYR A 386 -9.62 -13.96 1.44
N GLU A 387 -9.06 -12.78 1.10
CA GLU A 387 -8.98 -12.27 -0.25
C GLU A 387 -7.62 -11.56 -0.39
N GLN A 388 -6.89 -11.83 -1.47
CA GLN A 388 -5.57 -11.27 -1.72
C GLN A 388 -5.65 -9.75 -1.68
N GLU A 389 -4.83 -9.12 -0.82
CA GLU A 389 -4.80 -7.68 -0.65
C GLU A 389 -4.49 -7.09 -2.04
N SER A 390 -5.21 -6.08 -2.40
CA SER A 390 -5.10 -5.44 -3.70
C SER A 390 -3.64 -5.14 -4.19
N LYS A 391 -2.70 -4.77 -3.32
CA LYS A 391 -1.32 -4.38 -3.72
C LYS A 391 -0.23 -5.50 -3.68
N ILE A 392 -0.63 -6.76 -3.51
CA ILE A 392 0.30 -7.92 -3.49
C ILE A 392 1.11 -8.00 -4.79
N MET A 393 0.46 -7.77 -5.94
CA MET A 393 1.13 -7.78 -7.25
C MET A 393 2.38 -6.87 -7.21
N PHE A 394 2.26 -5.65 -6.62
CA PHE A 394 3.32 -4.65 -6.48
C PHE A 394 4.46 -5.07 -5.57
N VAL A 395 4.16 -5.85 -4.49
CA VAL A 395 5.16 -6.39 -3.54
C VAL A 395 6.04 -7.37 -4.30
N VAL A 396 5.39 -8.38 -4.96
CA VAL A 396 6.08 -9.41 -5.74
C VAL A 396 6.91 -8.74 -6.83
N ASN A 397 6.31 -7.80 -7.58
CA ASN A 397 7.01 -7.07 -8.66
C ASN A 397 8.20 -6.27 -8.16
N ALA A 398 8.13 -5.70 -6.92
CA ALA A 398 9.26 -4.94 -6.33
C ALA A 398 10.46 -5.86 -5.99
N VAL A 399 10.15 -7.03 -5.39
CA VAL A 399 11.18 -8.02 -5.08
C VAL A 399 11.87 -8.49 -6.40
N TYR A 400 11.04 -8.77 -7.42
CA TYR A 400 11.49 -9.21 -8.74
C TYR A 400 12.28 -8.13 -9.46
N ALA A 401 11.90 -6.85 -9.28
CA ALA A 401 12.63 -5.71 -9.88
C ALA A 401 14.03 -5.66 -9.31
N MET A 402 14.18 -5.80 -7.97
CA MET A 402 15.49 -5.84 -7.30
C MET A 402 16.32 -7.04 -7.79
N ALA A 403 15.71 -8.25 -7.86
CA ALA A 403 16.38 -9.47 -8.31
C ALA A 403 16.87 -9.37 -9.76
N HIS A 404 16.06 -8.78 -10.67
CA HIS A 404 16.39 -8.57 -12.09
C HIS A 404 17.53 -7.60 -12.27
N ALA A 405 17.55 -6.52 -11.46
CA ALA A 405 18.64 -5.56 -11.46
C ALA A 405 19.92 -6.27 -10.99
N LEU A 406 19.81 -7.13 -9.94
CA LEU A 406 20.98 -7.84 -9.42
C LEU A 406 21.51 -8.89 -10.40
N HIS A 407 20.59 -9.59 -11.09
CA HIS A 407 20.92 -10.60 -12.09
C HIS A 407 21.69 -9.96 -13.25
N LYS A 408 21.19 -8.81 -13.79
CA LYS A 408 21.81 -8.05 -14.89
C LYS A 408 23.22 -7.56 -14.52
N MET A 409 23.41 -7.05 -13.27
CA MET A 409 24.72 -6.61 -12.76
C MET A 409 25.65 -7.82 -12.69
N GLN A 410 25.10 -8.95 -12.21
CA GLN A 410 25.78 -10.24 -12.08
C GLN A 410 26.29 -10.74 -13.43
N ARG A 411 25.45 -10.66 -14.47
CA ARG A 411 25.81 -11.11 -15.81
C ARG A 411 26.79 -10.14 -16.50
N THR A 412 26.79 -8.84 -16.08
CA THR A 412 27.70 -7.83 -16.62
C THR A 412 29.07 -7.91 -15.93
N LEU A 413 29.09 -8.08 -14.61
CA LEU A 413 30.33 -8.15 -13.85
C LEU A 413 30.94 -9.56 -13.73
N CYS A 414 30.13 -10.63 -13.76
CA CYS A 414 30.61 -12.02 -13.63
C CYS A 414 30.09 -12.84 -14.83
N PRO A 415 30.58 -12.57 -16.08
CA PRO A 415 30.02 -13.29 -17.24
C PRO A 415 30.32 -14.79 -17.31
N ASN A 416 31.41 -15.27 -16.68
CA ASN A 416 31.83 -16.66 -16.74
C ASN A 416 31.51 -17.49 -15.49
N THR A 417 30.52 -17.04 -14.67
CA THR A 417 30.00 -17.71 -13.47
C THR A 417 28.57 -17.29 -13.20
N THR A 418 27.85 -18.10 -12.41
CA THR A 418 26.48 -17.84 -11.97
C THR A 418 26.59 -17.25 -10.56
N LYS A 419 27.80 -17.38 -9.98
CA LYS A 419 28.14 -16.97 -8.62
C LYS A 419 28.53 -15.50 -8.51
N LEU A 420 28.56 -15.01 -7.26
CA LEU A 420 28.90 -13.64 -6.92
C LEU A 420 30.43 -13.51 -6.93
N CYS A 421 30.99 -13.12 -8.11
CA CYS A 421 32.43 -13.00 -8.32
C CYS A 421 33.08 -11.86 -7.50
N ASP A 422 34.44 -11.86 -7.42
CA ASP A 422 35.25 -10.87 -6.69
C ASP A 422 34.90 -9.44 -7.09
N ALA A 423 34.65 -9.25 -8.39
CA ALA A 423 34.29 -7.98 -9.02
C ALA A 423 32.94 -7.44 -8.53
N MET A 424 32.08 -8.29 -7.92
CA MET A 424 30.76 -7.93 -7.42
C MET A 424 30.59 -8.19 -5.91
N LYS A 425 31.69 -8.53 -5.20
CA LYS A 425 31.61 -8.74 -3.75
C LYS A 425 31.29 -7.44 -2.98
N ILE A 426 31.84 -6.31 -3.44
CA ILE A 426 31.58 -4.97 -2.86
C ILE A 426 30.62 -4.32 -3.85
N LEU A 427 29.32 -4.32 -3.50
CA LEU A 427 28.28 -3.78 -4.37
C LEU A 427 28.38 -2.28 -4.49
N ASP A 428 28.23 -1.79 -5.72
CA ASP A 428 28.21 -0.38 -6.04
C ASP A 428 26.71 0.00 -6.16
N GLY A 429 26.13 0.46 -5.04
CA GLY A 429 24.72 0.84 -4.92
C GLY A 429 24.27 1.89 -5.92
N LYS A 430 25.16 2.88 -6.18
CA LYS A 430 24.93 3.93 -7.15
C LYS A 430 24.71 3.33 -8.55
N LYS A 431 25.65 2.44 -8.99
CA LYS A 431 25.55 1.78 -10.29
C LYS A 431 24.37 0.82 -10.32
N LEU A 432 24.19 0.01 -9.23
CA LEU A 432 23.04 -0.88 -9.13
C LEU A 432 21.73 -0.09 -9.37
N TYR A 433 21.59 1.09 -8.73
CA TYR A 433 20.38 1.89 -8.92
C TYR A 433 20.23 2.48 -10.34
N LYS A 434 21.22 3.24 -10.81
CA LYS A 434 21.10 3.97 -12.07
C LYS A 434 21.28 3.14 -13.33
N ASP A 435 22.21 2.20 -13.31
CA ASP A 435 22.57 1.44 -14.49
C ASP A 435 21.81 0.17 -14.67
N TYR A 436 21.24 -0.37 -13.57
CA TYR A 436 20.51 -1.65 -13.63
C TYR A 436 19.06 -1.54 -13.20
N LEU A 437 18.77 -1.07 -11.96
CA LEU A 437 17.41 -1.01 -11.44
C LEU A 437 16.40 -0.35 -12.40
N LEU A 438 16.77 0.69 -13.13
CA LEU A 438 15.82 1.19 -14.13
C LEU A 438 15.86 0.24 -15.39
N LYS A 439 15.21 -0.97 -15.27
CA LYS A 439 15.10 -2.12 -16.24
C LYS A 439 13.65 -2.45 -16.76
N ILE A 440 13.46 -3.67 -17.31
CA ILE A 440 12.25 -4.15 -18.04
C ILE A 440 12.00 -5.68 -18.13
N ASN A 441 10.92 -6.17 -17.52
CA ASN A 441 10.56 -7.60 -17.52
C ASN A 441 9.04 -7.88 -17.44
N PHE A 442 8.62 -9.04 -17.89
CA PHE A 442 7.24 -9.47 -17.77
C PHE A 442 6.98 -10.00 -16.38
N THR A 443 5.88 -9.61 -15.78
CA THR A 443 5.59 -9.99 -14.42
C THR A 443 5.70 -11.47 -14.14
N ALA A 444 6.09 -11.81 -12.92
CA ALA A 444 6.26 -13.17 -12.49
C ALA A 444 4.97 -14.03 -12.31
N PRO A 445 4.83 -14.75 -11.10
CA PRO A 445 3.84 -15.82 -11.15
C PRO A 445 2.44 -15.27 -11.09
N ASP A 451 -2.97 -8.88 -20.55
CA ASP A 451 -3.39 -8.12 -21.72
C ASP A 451 -2.25 -7.99 -22.74
N ALA A 452 -1.37 -6.99 -22.56
CA ALA A 452 -0.20 -6.70 -23.39
C ALA A 452 0.82 -5.91 -22.55
N ASP A 453 0.32 -5.06 -21.63
CA ASP A 453 1.12 -4.24 -20.72
C ASP A 453 1.08 -4.77 -19.28
N SER A 454 1.79 -5.89 -19.09
CA SER A 454 2.00 -6.59 -17.83
C SER A 454 3.52 -6.55 -17.57
N ILE A 455 4.18 -5.50 -18.09
CA ILE A 455 5.62 -5.36 -17.94
C ILE A 455 5.96 -4.50 -16.72
N VAL A 456 7.05 -4.89 -16.05
CA VAL A 456 7.58 -4.24 -14.88
C VAL A 456 8.72 -3.35 -15.35
N LYS A 457 8.57 -2.04 -15.18
CA LYS A 457 9.57 -1.06 -15.56
C LYS A 457 9.35 0.20 -14.72
N PHE A 458 10.32 1.10 -14.77
CA PHE A 458 10.28 2.38 -14.08
C PHE A 458 10.44 3.48 -15.12
N ASP A 459 9.82 4.64 -14.90
CA ASP A 459 10.04 5.75 -15.83
C ASP A 459 11.39 6.41 -15.46
N THR A 460 11.65 7.62 -15.98
CA THR A 460 12.86 8.41 -15.73
C THR A 460 12.99 8.73 -14.25
N PHE A 461 11.84 8.88 -13.59
CA PHE A 461 11.76 9.28 -12.19
C PHE A 461 11.61 8.12 -11.22
N GLY A 462 11.74 6.88 -11.73
CA GLY A 462 11.66 5.65 -10.93
C GLY A 462 10.25 5.25 -10.49
N ASP A 463 9.24 5.77 -11.21
CA ASP A 463 7.81 5.55 -10.92
C ASP A 463 7.12 4.53 -11.83
N GLY A 464 6.02 3.95 -11.32
CA GLY A 464 5.11 3.07 -12.03
C GLY A 464 4.11 3.86 -12.86
N MET A 465 3.22 3.18 -13.58
CA MET A 465 2.21 3.78 -14.49
C MET A 465 0.90 4.12 -13.79
N GLY A 466 0.32 5.27 -14.13
CA GLY A 466 -0.95 5.72 -13.57
C GLY A 466 -2.18 4.93 -14.03
N ARG A 467 -2.42 3.75 -13.43
CA ARG A 467 -3.58 2.91 -13.74
C ARG A 467 -4.36 2.61 -12.45
N TYR A 468 -5.66 2.95 -12.42
CA TYR A 468 -6.52 2.75 -11.24
C TYR A 468 -7.82 2.04 -11.60
N ASN A 469 -8.38 1.31 -10.62
CA ASN A 469 -9.69 0.67 -10.70
C ASN A 469 -10.62 1.45 -9.78
N VAL A 470 -11.86 1.63 -10.23
CA VAL A 470 -12.89 2.37 -9.51
C VAL A 470 -13.84 1.33 -8.91
N PHE A 471 -14.12 1.48 -7.61
CA PHE A 471 -14.96 0.61 -6.81
C PHE A 471 -16.09 1.35 -6.18
N ASN A 472 -17.18 0.63 -5.93
CA ASN A 472 -18.40 1.13 -5.32
C ASN A 472 -18.77 0.20 -4.17
N PHE A 473 -18.94 0.75 -2.97
CA PHE A 473 -19.28 -0.06 -1.80
C PHE A 473 -20.78 -0.29 -1.83
N GLN A 474 -21.17 -1.57 -1.94
CA GLN A 474 -22.55 -2.07 -2.12
C GLN A 474 -22.97 -3.18 -1.16
N ASN A 475 -24.27 -3.56 -1.26
CA ASN A 475 -24.92 -4.69 -0.59
C ASN A 475 -25.55 -5.49 -1.75
N VAL A 476 -24.84 -6.56 -2.17
CA VAL A 476 -25.14 -7.44 -3.30
C VAL A 476 -26.46 -8.20 -3.14
N GLY A 477 -26.57 -8.97 -2.07
CA GLY A 477 -27.76 -9.76 -1.75
C GLY A 477 -27.67 -10.27 -0.34
N GLY A 478 -27.51 -9.33 0.60
CA GLY A 478 -27.32 -9.60 2.01
C GLY A 478 -25.90 -9.30 2.46
N LYS A 479 -24.92 -9.47 1.54
CA LYS A 479 -23.49 -9.27 1.78
C LYS A 479 -22.96 -7.92 1.26
N TYR A 480 -22.22 -7.18 2.12
CA TYR A 480 -21.60 -5.91 1.77
C TYR A 480 -20.22 -6.14 1.15
N SER A 481 -19.94 -5.50 0.00
CA SER A 481 -18.64 -5.59 -0.69
C SER A 481 -18.34 -4.39 -1.61
N TYR A 482 -17.13 -4.40 -2.19
CA TYR A 482 -16.67 -3.38 -3.14
C TYR A 482 -16.76 -3.98 -4.53
N LEU A 483 -17.63 -3.43 -5.38
CA LEU A 483 -17.73 -3.90 -6.76
C LEU A 483 -16.95 -2.97 -7.68
N LYS A 484 -16.09 -3.54 -8.56
CA LYS A 484 -15.36 -2.78 -9.56
C LYS A 484 -16.38 -2.23 -10.55
N VAL A 485 -16.42 -0.89 -10.71
CA VAL A 485 -17.37 -0.18 -11.57
C VAL A 485 -16.72 0.73 -12.63
N GLY A 486 -15.39 0.73 -12.68
CA GLY A 486 -14.65 1.59 -13.60
C GLY A 486 -13.15 1.45 -13.55
N HIS A 487 -12.48 2.18 -14.44
CA HIS A 487 -11.01 2.15 -14.59
C HIS A 487 -10.53 3.54 -15.07
N TRP A 488 -9.26 3.85 -14.76
CA TRP A 488 -8.60 5.06 -15.18
C TRP A 488 -7.18 4.73 -15.59
N ALA A 489 -6.85 5.03 -16.85
CA ALA A 489 -5.52 4.88 -17.44
C ALA A 489 -5.53 5.91 -18.57
N GLU A 490 -5.07 7.12 -18.23
CA GLU A 490 -5.03 8.33 -19.06
C GLU A 490 -6.43 8.91 -19.23
N THR A 491 -7.47 8.06 -19.32
CA THR A 491 -8.87 8.50 -19.41
C THR A 491 -9.76 7.68 -18.46
N LEU A 492 -10.95 8.19 -18.17
CA LEU A 492 -11.89 7.53 -17.27
C LEU A 492 -12.92 6.71 -18.03
N SER A 493 -13.10 5.45 -17.62
CA SER A 493 -14.12 4.55 -18.16
C SER A 493 -14.94 4.03 -16.97
N LEU A 494 -16.27 4.14 -17.04
CA LEU A 494 -17.17 3.71 -15.98
C LEU A 494 -18.36 2.90 -16.52
N ASP A 495 -18.92 2.04 -15.64
CA ASP A 495 -20.13 1.24 -15.90
C ASP A 495 -21.12 1.79 -14.87
N VAL A 496 -21.70 2.95 -15.21
CA VAL A 496 -22.62 3.77 -14.42
C VAL A 496 -23.86 2.99 -13.90
N ASN A 497 -24.42 2.04 -14.72
CA ASN A 497 -25.60 1.24 -14.35
C ASN A 497 -25.35 0.30 -13.16
N SER A 498 -24.09 -0.14 -13.00
CA SER A 498 -23.66 -1.03 -11.94
C SER A 498 -23.55 -0.36 -10.56
N ILE A 499 -23.55 0.97 -10.50
CA ILE A 499 -23.35 1.70 -9.25
C ILE A 499 -24.61 1.81 -8.40
N HIS A 500 -24.47 1.61 -7.07
CA HIS A 500 -25.53 1.83 -6.08
C HIS A 500 -25.11 3.04 -5.26
N TRP A 501 -25.97 4.07 -5.18
CA TRP A 501 -25.68 5.32 -4.48
C TRP A 501 -26.19 5.42 -3.05
N SER A 502 -27.30 4.76 -2.73
CA SER A 502 -27.88 4.84 -1.38
C SER A 502 -28.34 3.48 -0.91
N ARG A 503 -28.46 3.29 0.42
CA ARG A 503 -28.89 2.01 0.97
C ARG A 503 -30.36 1.71 0.64
N ASN A 504 -30.60 0.47 0.20
CA ASN A 504 -31.91 -0.03 -0.15
C ASN A 504 -32.66 -0.45 1.14
N SER A 505 -33.13 0.53 1.91
CA SER A 505 -33.82 0.26 3.16
C SER A 505 -35.31 0.07 2.98
N VAL A 506 -35.86 -0.96 3.67
CA VAL A 506 -37.28 -1.27 3.68
C VAL A 506 -37.97 -0.03 4.25
N PRO A 507 -38.99 0.54 3.56
CA PRO A 507 -39.68 1.73 4.10
C PRO A 507 -40.36 1.44 5.41
N THR A 508 -40.54 2.48 6.23
CA THR A 508 -41.22 2.36 7.50
C THR A 508 -42.58 3.05 7.36
N SER A 509 -43.64 2.43 7.90
CA SER A 509 -45.02 2.95 7.84
C SER A 509 -45.68 2.48 9.13
N GLU A 510 -45.44 3.23 10.25
CA GLU A 510 -45.90 2.89 11.61
C GLU A 510 -46.63 4.02 12.32
O1 40F B . 0.96 6.24 2.06
C7 40F B . -1.79 5.48 1.15
O2 40F B . -1.67 0.41 0.51
C6 40F B . -1.97 4.77 2.49
C1 40F B . -0.48 4.92 0.50
C5 40F B . -1.11 3.53 2.42
C4 40F B . -1.04 1.18 1.37
C3 40F B . -1.36 2.61 1.22
C2 40F B . -0.20 3.60 1.20
O3 40F B . -0.31 0.70 2.16
N 40F B . -0.59 4.78 -0.98
C 40F B . 0.69 5.84 0.81
O 40F B . 1.39 6.27 -0.06
I IOD C . 1.57 8.89 5.35
I IOD D . -5.79 -12.03 5.90
I IOD E . 5.04 1.18 6.44
I IOD F . 33.88 -13.91 -14.20
I IOD G . 15.50 -6.90 -16.88
I IOD H . -1.82 -21.68 -8.38
I IOD I . 0.53 -23.86 19.83
I IOD J . 4.88 -27.86 14.81
#